data_6FWU
#
_entry.id   6FWU
#
_cell.length_a   60.217
_cell.length_b   60.217
_cell.length_c   229.368
_cell.angle_alpha   90.000
_cell.angle_beta   90.000
_cell.angle_gamma   120.000
#
_symmetry.space_group_name_H-M   'P 31 2 1'
#
loop_
_entity.id
_entity.type
_entity.pdbx_description
1 polymer 'Beta-1,4-galactosyltransferase 1'
2 non-polymer 'NITRATE ION'
3 water water
#
_entity_poly.entity_id   1
_entity_poly.type   'polypeptide(L)'
_entity_poly.pdbx_seq_one_letter_code
;SLPACPEESPLLVGPMLIEFNMPVDLELVAKQNPNVKMGGRYAPRDCVSPHKVAIIIPFRNRQEHLKYWLYYLHPVLQRQ
QLDYGIYVINQAGDTIFNRAKLLNVGFQEALKDYDYTCFVFSDVDLIPMNDHNAYRCFSQPRHISVAMDKFGFSLPYVQY
FGGVSALSKQQFLTINGFPNNYWGWGGEDDDIFNRLVFRGMSISRPNAVVGRCRMIRHSRDKKNEPNPQRFDRIAHTKET
MLSDGLNSLTYQVLDVQRYPLYTQITVDIGTPS
;
_entity_poly.pdbx_strand_id   A,B
#
loop_
_chem_comp.id
_chem_comp.type
_chem_comp.name
_chem_comp.formula
NO3 non-polymer 'NITRATE ION' 'N O3 -1'
#
# COMPACT_ATOMS: atom_id res chain seq x y z
N SER A 1 10.20 -41.11 12.37
CA SER A 1 10.63 -42.03 11.32
C SER A 1 11.15 -41.25 10.12
N LEU A 2 10.28 -40.47 9.48
CA LEU A 2 10.69 -39.67 8.34
C LEU A 2 11.53 -38.49 8.79
N PRO A 3 12.42 -37.98 7.93
CA PRO A 3 13.16 -36.76 8.26
C PRO A 3 12.32 -35.51 8.02
N ALA A 4 12.74 -34.42 8.65
CA ALA A 4 12.14 -33.13 8.40
C ALA A 4 12.49 -32.65 6.99
N CYS A 5 11.54 -32.01 6.33
CA CYS A 5 11.83 -31.42 5.03
C CYS A 5 12.82 -30.26 5.19
N PRO A 6 13.68 -30.05 4.20
CA PRO A 6 14.64 -28.94 4.29
C PRO A 6 13.94 -27.59 4.39
N GLU A 7 14.72 -26.56 4.76
CA GLU A 7 14.16 -25.23 4.89
C GLU A 7 13.73 -24.68 3.53
N GLU A 8 14.59 -24.83 2.53
CA GLU A 8 14.23 -24.59 1.14
C GLU A 8 14.16 -25.92 0.43
N SER A 9 13.10 -26.13 -0.34
CA SER A 9 12.92 -27.39 -1.03
C SER A 9 13.89 -27.47 -2.21
N PRO A 10 14.48 -28.64 -2.48
CA PRO A 10 15.37 -28.76 -3.63
C PRO A 10 14.65 -28.88 -4.96
N LEU A 11 13.32 -28.96 -4.95
CA LEU A 11 12.52 -29.14 -6.15
C LEU A 11 12.15 -27.84 -6.84
N LEU A 12 12.54 -26.69 -6.29
CA LEU A 12 12.11 -25.41 -6.84
C LEU A 12 12.80 -25.14 -8.18
N VAL A 13 12.06 -24.49 -9.08
CA VAL A 13 12.57 -24.17 -10.41
C VAL A 13 12.61 -22.69 -10.72
N GLY A 14 12.07 -21.83 -9.86
CA GLY A 14 12.12 -20.41 -10.08
C GLY A 14 11.03 -19.92 -11.02
N PRO A 15 11.37 -18.99 -11.92
CA PRO A 15 10.34 -18.40 -12.79
C PRO A 15 9.61 -19.44 -13.63
N MET A 16 8.35 -19.14 -13.94
CA MET A 16 7.44 -20.05 -14.60
C MET A 16 6.72 -19.36 -15.76
N LEU A 17 6.51 -20.10 -16.85
CA LEU A 17 5.69 -19.61 -17.94
C LEU A 17 4.22 -19.78 -17.56
N ILE A 18 3.47 -18.68 -17.59
CA ILE A 18 2.04 -18.69 -17.29
C ILE A 18 1.30 -18.26 -18.54
N GLU A 19 0.50 -19.17 -19.11
CA GLU A 19 -0.30 -18.87 -20.29
C GLU A 19 -1.74 -19.32 -20.06
N PHE A 20 -2.69 -18.57 -20.63
CA PHE A 20 -4.11 -18.86 -20.48
C PHE A 20 -4.78 -19.09 -21.83
N ASN A 21 -4.16 -19.89 -22.70
CA ASN A 21 -4.74 -20.23 -23.99
C ASN A 21 -5.16 -21.69 -24.11
N MET A 22 -4.52 -22.58 -23.38
CA MET A 22 -4.80 -24.00 -23.52
C MET A 22 -6.01 -24.34 -22.66
N PRO A 23 -7.07 -24.95 -23.22
CA PRO A 23 -8.18 -25.37 -22.36
C PRO A 23 -7.69 -26.34 -21.31
N VAL A 24 -8.37 -26.36 -20.17
CA VAL A 24 -7.95 -27.16 -19.03
C VAL A 24 -9.04 -28.18 -18.74
N ASP A 25 -8.64 -29.45 -18.62
CA ASP A 25 -9.52 -30.52 -18.19
C ASP A 25 -9.04 -31.00 -16.84
N LEU A 26 -9.88 -30.85 -15.81
CA LEU A 26 -9.45 -31.20 -14.46
C LEU A 26 -9.24 -32.70 -14.30
N GLU A 27 -9.87 -33.51 -15.15
CA GLU A 27 -9.58 -34.94 -15.15
C GLU A 27 -8.15 -35.21 -15.60
N LEU A 28 -7.64 -34.41 -16.53
CA LEU A 28 -6.25 -34.56 -16.96
C LEU A 28 -5.28 -34.00 -15.94
N VAL A 29 -5.63 -32.87 -15.32
CA VAL A 29 -4.77 -32.29 -14.28
C VAL A 29 -4.62 -33.28 -13.13
N ALA A 30 -5.69 -33.97 -12.77
CA ALA A 30 -5.62 -34.94 -11.69
C ALA A 30 -4.65 -36.07 -12.04
N LYS A 31 -4.64 -36.49 -13.30
CA LYS A 31 -3.68 -37.49 -13.76
C LYS A 31 -2.26 -36.92 -13.83
N GLN A 32 -2.10 -35.59 -13.87
CA GLN A 32 -0.77 -35.00 -13.83
C GLN A 32 -0.23 -34.91 -12.40
N ASN A 33 -1.11 -34.87 -11.41
CA ASN A 33 -0.73 -34.78 -10.00
C ASN A 33 -1.33 -35.97 -9.26
N PRO A 34 -0.86 -37.19 -9.56
CA PRO A 34 -1.48 -38.38 -8.97
C PRO A 34 -1.27 -38.50 -7.48
N ASN A 35 -0.36 -37.71 -6.90
CA ASN A 35 -0.14 -37.76 -5.45
C ASN A 35 -1.11 -36.90 -4.68
N VAL A 36 -1.93 -36.10 -5.36
CA VAL A 36 -2.97 -35.32 -4.69
C VAL A 36 -4.15 -36.24 -4.39
N LYS A 37 -4.55 -36.29 -3.13
CA LYS A 37 -5.62 -37.16 -2.68
C LYS A 37 -6.96 -36.43 -2.74
N MET A 38 -8.03 -37.22 -2.68
CA MET A 38 -9.39 -36.70 -2.69
C MET A 38 -9.52 -35.50 -1.76
N GLY A 39 -10.17 -34.45 -2.27
CA GLY A 39 -10.31 -33.21 -1.55
C GLY A 39 -9.20 -32.21 -1.80
N GLY A 40 -8.26 -32.52 -2.70
CA GLY A 40 -7.15 -31.62 -2.96
C GLY A 40 -6.14 -31.61 -1.83
N ARG A 41 -5.83 -32.78 -1.27
CA ARG A 41 -4.93 -32.90 -0.13
C ARG A 41 -3.62 -33.55 -0.57
N TYR A 42 -2.52 -33.01 -0.06
CA TYR A 42 -1.20 -33.55 -0.39
C TYR A 42 -0.26 -33.35 0.78
N ALA A 43 0.64 -34.31 0.97
CA ALA A 43 1.74 -34.20 1.91
C ALA A 43 2.90 -34.97 1.29
N PRO A 44 4.14 -34.51 1.44
CA PRO A 44 5.27 -35.25 0.86
C PRO A 44 5.34 -36.68 1.37
N ARG A 45 5.76 -37.58 0.49
CA ARG A 45 6.01 -38.97 0.87
C ARG A 45 7.36 -39.12 1.57
N ASP A 46 8.31 -38.25 1.26
CA ASP A 46 9.71 -38.46 1.63
C ASP A 46 10.14 -37.69 2.87
N CYS A 47 9.36 -36.71 3.34
CA CYS A 47 9.76 -35.93 4.50
C CYS A 47 8.53 -35.33 5.15
N VAL A 48 8.68 -34.93 6.41
CA VAL A 48 7.61 -34.29 7.17
C VAL A 48 7.76 -32.78 7.02
N SER A 49 6.69 -32.13 6.59
CA SER A 49 6.71 -30.69 6.41
C SER A 49 6.22 -29.98 7.68
N PRO A 50 6.86 -28.89 8.08
CA PRO A 50 6.33 -28.09 9.20
C PRO A 50 5.22 -27.15 8.80
N HIS A 51 4.85 -27.10 7.52
CA HIS A 51 3.86 -26.16 7.01
C HIS A 51 2.56 -26.92 6.76
N LYS A 52 1.59 -26.74 7.65
CA LYS A 52 0.26 -27.31 7.50
C LYS A 52 -0.65 -26.19 7.03
N VAL A 53 -0.88 -26.11 5.72
CA VAL A 53 -1.42 -24.94 5.07
C VAL A 53 -2.79 -25.25 4.49
N ALA A 54 -3.78 -24.44 4.85
CA ALA A 54 -5.08 -24.44 4.19
C ALA A 54 -5.12 -23.26 3.22
N ILE A 55 -5.24 -23.54 1.93
CA ILE A 55 -5.42 -22.50 0.93
C ILE A 55 -6.91 -22.27 0.75
N ILE A 56 -7.35 -21.04 0.99
CA ILE A 56 -8.76 -20.68 1.02
C ILE A 56 -9.01 -19.69 -0.11
N ILE A 57 -9.93 -20.04 -1.01
CA ILE A 57 -10.23 -19.22 -2.18
C ILE A 57 -11.66 -18.72 -2.09
N PRO A 58 -11.91 -17.42 -1.90
CA PRO A 58 -13.28 -16.91 -2.03
C PRO A 58 -13.68 -16.95 -3.50
N PHE A 59 -14.92 -17.38 -3.76
CA PHE A 59 -15.25 -17.87 -5.09
C PHE A 59 -16.72 -17.67 -5.41
N ARG A 60 -17.00 -17.46 -6.69
CA ARG A 60 -18.35 -17.46 -7.23
C ARG A 60 -18.34 -17.36 -8.75
N ASN A 61 -18.79 -18.40 -9.43
CA ASN A 61 -18.99 -18.39 -10.88
C ASN A 61 -17.71 -17.96 -11.60
N ARG A 62 -16.63 -18.66 -11.29
CA ARG A 62 -15.33 -18.42 -11.92
C ARG A 62 -14.67 -19.77 -12.19
N GLN A 63 -15.43 -20.70 -12.75
CA GLN A 63 -14.93 -22.07 -12.93
C GLN A 63 -13.74 -22.09 -13.87
N GLU A 64 -13.78 -21.28 -14.93
CA GLU A 64 -12.67 -21.25 -15.88
C GLU A 64 -11.39 -20.81 -15.18
N HIS A 65 -11.45 -19.71 -14.42
CA HIS A 65 -10.30 -19.26 -13.65
C HIS A 65 -9.85 -20.33 -12.67
N LEU A 66 -10.79 -21.01 -12.02
CA LEU A 66 -10.44 -22.02 -11.03
C LEU A 66 -9.66 -23.17 -11.67
N LYS A 67 -10.05 -23.57 -12.88
CA LYS A 67 -9.29 -24.60 -13.59
C LYS A 67 -7.83 -24.21 -13.73
N TYR A 68 -7.58 -22.96 -14.16
CA TYR A 68 -6.20 -22.51 -14.34
C TYR A 68 -5.45 -22.45 -13.02
N TRP A 69 -6.11 -21.95 -11.97
CA TRP A 69 -5.47 -21.90 -10.65
C TRP A 69 -4.99 -23.28 -10.23
N LEU A 70 -5.86 -24.29 -10.33
CA LEU A 70 -5.47 -25.65 -9.95
C LEU A 70 -4.37 -26.18 -10.85
N TYR A 71 -4.47 -25.94 -12.15
CA TYR A 71 -3.46 -26.42 -13.09
C TYR A 71 -2.08 -25.90 -12.73
N TYR A 72 -1.99 -24.66 -12.24
CA TYR A 72 -0.70 -24.03 -12.00
C TYR A 72 -0.22 -24.15 -10.57
N LEU A 73 -1.11 -24.19 -9.58
CA LEU A 73 -0.68 -24.14 -8.18
C LEU A 73 -0.40 -25.51 -7.59
N HIS A 74 -1.13 -26.55 -8.01
CA HIS A 74 -0.86 -27.88 -7.47
C HIS A 74 0.59 -28.30 -7.70
N PRO A 75 1.16 -28.15 -8.90
CA PRO A 75 2.60 -28.42 -9.03
C PRO A 75 3.47 -27.53 -8.16
N VAL A 76 3.11 -26.25 -8.03
CA VAL A 76 3.91 -25.33 -7.23
C VAL A 76 3.91 -25.76 -5.77
N LEU A 77 2.71 -26.03 -5.22
CA LEU A 77 2.61 -26.36 -3.80
C LEU A 77 3.35 -27.65 -3.48
N GLN A 78 3.27 -28.65 -4.36
CA GLN A 78 3.99 -29.89 -4.13
C GLN A 78 5.50 -29.67 -4.17
N ARG A 79 5.99 -28.94 -5.17
CA ARG A 79 7.41 -28.63 -5.22
C ARG A 79 7.87 -27.93 -3.95
N GLN A 80 7.01 -27.14 -3.32
CA GLN A 80 7.33 -26.48 -2.06
C GLN A 80 7.25 -27.41 -0.87
N GLN A 81 6.89 -28.68 -1.07
CA GLN A 81 6.92 -29.69 -0.01
C GLN A 81 5.99 -29.31 1.15
N LEU A 82 4.82 -28.79 0.82
CA LEU A 82 3.87 -28.36 1.83
C LEU A 82 2.86 -29.46 2.17
N ASP A 83 2.30 -29.36 3.36
CA ASP A 83 1.22 -30.24 3.82
C ASP A 83 -0.06 -29.42 3.75
N TYR A 84 -0.75 -29.50 2.60
CA TYR A 84 -1.77 -28.51 2.28
C TYR A 84 -3.07 -29.17 1.83
N GLY A 85 -4.13 -28.34 1.83
CA GLY A 85 -5.39 -28.71 1.23
C GLY A 85 -6.04 -27.50 0.60
N ILE A 86 -6.93 -27.75 -0.36
CA ILE A 86 -7.52 -26.71 -1.19
C ILE A 86 -9.00 -26.57 -0.83
N TYR A 87 -9.38 -25.35 -0.43
CA TYR A 87 -10.75 -25.08 0.03
C TYR A 87 -11.33 -23.90 -0.75
N VAL A 88 -12.34 -24.18 -1.57
CA VAL A 88 -13.04 -23.17 -2.36
C VAL A 88 -14.33 -22.81 -1.62
N ILE A 89 -14.44 -21.55 -1.21
CA ILE A 89 -15.60 -21.07 -0.46
C ILE A 89 -16.51 -20.37 -1.46
N ASN A 90 -17.59 -21.04 -1.84
CA ASN A 90 -18.51 -20.58 -2.87
C ASN A 90 -19.69 -19.89 -2.21
N GLN A 91 -19.88 -18.61 -2.52
CA GLN A 91 -20.96 -17.81 -1.94
C GLN A 91 -22.27 -18.18 -2.63
N ALA A 92 -23.18 -18.82 -1.91
CA ALA A 92 -24.45 -19.21 -2.48
C ALA A 92 -25.25 -17.98 -2.89
N GLY A 93 -25.98 -18.10 -3.99
CA GLY A 93 -26.81 -17.02 -4.48
C GLY A 93 -25.99 -16.06 -5.31
N ASP A 94 -26.65 -15.01 -5.78
CA ASP A 94 -26.00 -13.91 -6.49
C ASP A 94 -26.25 -12.60 -5.76
N THR A 95 -26.11 -12.63 -4.43
CA THR A 95 -26.10 -11.44 -3.61
C THR A 95 -24.81 -10.67 -3.84
N ILE A 96 -24.72 -9.47 -3.25
CA ILE A 96 -23.48 -8.73 -3.33
C ILE A 96 -22.37 -9.52 -2.67
N PHE A 97 -21.19 -9.51 -3.29
CA PHE A 97 -20.07 -10.33 -2.85
C PHE A 97 -19.46 -9.81 -1.54
N ASN A 98 -19.01 -10.74 -0.70
CA ASN A 98 -18.40 -10.43 0.60
C ASN A 98 -17.14 -11.28 0.77
N ARG A 99 -16.02 -10.80 0.22
CA ARG A 99 -14.78 -11.56 0.25
C ARG A 99 -14.36 -11.91 1.68
N ALA A 100 -14.35 -10.91 2.57
CA ALA A 100 -13.82 -11.12 3.91
C ALA A 100 -14.59 -12.19 4.67
N LYS A 101 -15.93 -12.15 4.62
CA LYS A 101 -16.73 -13.12 5.34
C LYS A 101 -16.47 -14.54 4.84
N LEU A 102 -16.32 -14.71 3.52
CA LEU A 102 -16.01 -16.02 2.97
C LEU A 102 -14.69 -16.54 3.50
N LEU A 103 -13.70 -15.65 3.66
CA LEU A 103 -12.42 -16.06 4.22
C LEU A 103 -12.58 -16.59 5.63
N ASN A 104 -13.43 -15.95 6.43
CA ASN A 104 -13.68 -16.44 7.79
C ASN A 104 -14.31 -17.84 7.75
N VAL A 105 -15.26 -18.06 6.85
CA VAL A 105 -15.85 -19.38 6.71
C VAL A 105 -14.79 -20.42 6.37
N GLY A 106 -13.92 -20.10 5.41
CA GLY A 106 -12.91 -21.06 5.01
C GLY A 106 -11.98 -21.46 6.15
N PHE A 107 -11.59 -20.48 6.96
CA PHE A 107 -10.75 -20.79 8.12
C PHE A 107 -11.47 -21.73 9.07
N GLN A 108 -12.73 -21.42 9.40
CA GLN A 108 -13.49 -22.26 10.33
C GLN A 108 -13.76 -23.64 9.75
N GLU A 109 -14.04 -23.72 8.46
CA GLU A 109 -14.40 -25.00 7.86
C GLU A 109 -13.18 -25.87 7.62
N ALA A 110 -12.08 -25.28 7.16
CA ALA A 110 -10.86 -26.05 6.91
C ALA A 110 -10.39 -26.76 8.17
N LEU A 111 -10.55 -26.11 9.33
CA LEU A 111 -10.10 -26.71 10.58
C LEU A 111 -10.92 -27.92 10.99
N LYS A 112 -12.11 -28.10 10.40
CA LYS A 112 -12.88 -29.30 10.67
C LYS A 112 -12.29 -30.53 9.99
N ASP A 113 -11.51 -30.34 8.93
CA ASP A 113 -10.87 -31.47 8.25
C ASP A 113 -9.56 -31.87 8.91
N TYR A 114 -8.80 -30.91 9.41
CA TYR A 114 -7.41 -31.15 9.75
C TYR A 114 -6.89 -29.96 10.54
N ASP A 115 -5.90 -30.21 11.39
CA ASP A 115 -5.39 -29.18 12.29
C ASP A 115 -4.33 -28.34 11.57
N TYR A 116 -4.80 -27.59 10.58
CA TYR A 116 -3.94 -26.63 9.91
C TYR A 116 -3.43 -25.58 10.88
N THR A 117 -2.20 -25.13 10.64
CA THR A 117 -1.59 -24.07 11.43
C THR A 117 -1.24 -22.86 10.60
N CYS A 118 -1.44 -22.90 9.29
CA CYS A 118 -1.17 -21.80 8.39
C CYS A 118 -2.32 -21.69 7.40
N PHE A 119 -2.70 -20.46 7.07
CA PHE A 119 -3.84 -20.21 6.20
C PHE A 119 -3.46 -19.21 5.13
N VAL A 120 -3.54 -19.63 3.86
CA VAL A 120 -3.26 -18.78 2.72
C VAL A 120 -4.60 -18.38 2.10
N PHE A 121 -4.88 -17.08 2.08
CA PHE A 121 -6.08 -16.54 1.46
C PHE A 121 -5.69 -15.97 0.10
N SER A 122 -6.22 -16.57 -0.96
CA SER A 122 -5.78 -16.29 -2.32
C SER A 122 -6.98 -16.06 -3.23
N ASP A 123 -6.98 -14.93 -3.94
CA ASP A 123 -7.93 -14.75 -5.02
C ASP A 123 -7.70 -15.83 -6.08
N VAL A 124 -8.80 -16.23 -6.73
CA VAL A 124 -8.74 -17.33 -7.69
C VAL A 124 -8.00 -16.95 -8.96
N ASP A 125 -7.85 -15.65 -9.23
CA ASP A 125 -7.30 -15.18 -10.51
C ASP A 125 -5.89 -14.61 -10.36
N LEU A 126 -5.11 -15.11 -9.41
CA LEU A 126 -3.73 -14.68 -9.23
C LEU A 126 -2.83 -15.90 -9.19
N ILE A 127 -1.87 -15.94 -10.12
CA ILE A 127 -0.96 -17.07 -10.27
C ILE A 127 0.45 -16.57 -9.98
N PRO A 128 1.20 -17.21 -9.08
CA PRO A 128 2.57 -16.77 -8.82
C PRO A 128 3.53 -17.20 -9.92
N MET A 129 4.41 -16.28 -10.32
CA MET A 129 5.34 -16.53 -11.41
C MET A 129 6.67 -17.11 -10.94
N ASN A 130 6.83 -17.42 -9.66
CA ASN A 130 8.10 -17.91 -9.14
C ASN A 130 7.84 -18.74 -7.90
N ASP A 131 8.20 -20.03 -7.94
CA ASP A 131 7.94 -20.92 -6.83
C ASP A 131 8.86 -20.67 -5.64
N HIS A 132 9.79 -19.72 -5.73
CA HIS A 132 10.47 -19.25 -4.52
C HIS A 132 9.54 -18.40 -3.66
N ASN A 133 8.38 -18.01 -4.17
CA ASN A 133 7.39 -17.25 -3.41
C ASN A 133 6.63 -18.26 -2.55
N ALA A 134 7.02 -18.36 -1.27
CA ALA A 134 6.53 -19.42 -0.41
C ALA A 134 5.06 -19.22 -0.05
N TYR A 135 4.25 -20.24 -0.31
CA TYR A 135 2.82 -20.24 0.04
C TYR A 135 2.65 -20.86 1.43
N ARG A 136 3.19 -20.17 2.43
CA ARG A 136 3.09 -20.61 3.81
C ARG A 136 3.37 -19.43 4.73
N CYS A 137 3.41 -19.69 6.04
CA CYS A 137 3.38 -18.65 7.05
C CYS A 137 4.79 -18.34 7.57
N PHE A 138 4.91 -17.15 8.18
CA PHE A 138 6.16 -16.61 8.68
C PHE A 138 5.93 -16.07 10.09
N SER A 139 6.99 -15.49 10.67
CA SER A 139 6.86 -14.92 12.01
C SER A 139 5.99 -13.67 12.02
N GLN A 140 5.81 -13.02 10.88
CA GLN A 140 4.90 -11.90 10.72
C GLN A 140 3.90 -12.22 9.61
N PRO A 141 2.73 -11.59 9.63
CA PRO A 141 1.81 -11.72 8.49
C PRO A 141 2.55 -11.55 7.17
N ARG A 142 2.21 -12.41 6.22
CA ARG A 142 2.97 -12.54 4.97
C ARG A 142 2.10 -12.10 3.80
N HIS A 143 2.65 -11.19 2.99
CA HIS A 143 1.99 -10.74 1.76
C HIS A 143 2.68 -11.43 0.59
N ILE A 144 1.95 -12.31 -0.09
CA ILE A 144 2.54 -13.17 -1.11
C ILE A 144 2.49 -12.52 -2.49
N SER A 145 1.35 -11.94 -2.87
CA SER A 145 1.26 -11.20 -4.13
C SER A 145 1.75 -9.79 -3.89
N VAL A 146 2.98 -9.51 -4.33
CA VAL A 146 3.63 -8.22 -4.10
C VAL A 146 3.46 -7.29 -5.30
N ALA A 147 3.69 -7.80 -6.51
CA ALA A 147 3.66 -6.97 -7.70
C ALA A 147 3.07 -7.77 -8.86
N MET A 148 2.66 -7.05 -9.91
CA MET A 148 2.01 -7.71 -11.04
C MET A 148 3.04 -8.05 -12.12
N ASP A 149 2.59 -8.82 -13.12
CA ASP A 149 3.50 -9.40 -14.10
C ASP A 149 4.30 -8.32 -14.84
N LYS A 150 3.61 -7.45 -15.58
CA LYS A 150 4.28 -6.48 -16.45
C LYS A 150 4.23 -5.08 -15.85
N PHE A 151 3.08 -4.43 -16.01
CA PHE A 151 2.89 -3.09 -15.47
C PHE A 151 2.85 -3.15 -13.95
N GLY A 152 4.01 -2.96 -13.32
CA GLY A 152 4.19 -3.29 -11.92
C GLY A 152 3.24 -2.63 -10.93
N PHE A 153 2.57 -1.52 -11.30
CA PHE A 153 1.70 -0.87 -10.33
C PHE A 153 0.60 -1.83 -9.90
N SER A 154 0.66 -2.25 -8.63
CA SER A 154 -0.12 -3.38 -8.15
C SER A 154 -1.16 -3.04 -7.09
N LEU A 155 -1.11 -1.86 -6.51
CA LEU A 155 -1.98 -1.54 -5.37
C LEU A 155 -3.46 -1.81 -5.61
N PRO A 156 -4.04 -1.56 -6.79
CA PRO A 156 -5.47 -1.88 -6.98
C PRO A 156 -5.78 -3.35 -6.83
N TYR A 157 -4.87 -4.22 -7.25
CA TYR A 157 -5.12 -5.66 -7.26
C TYR A 157 -4.70 -6.36 -5.98
N VAL A 158 -3.75 -5.79 -5.24
CA VAL A 158 -3.24 -6.45 -4.04
C VAL A 158 -3.47 -5.62 -2.78
N GLN A 159 -3.80 -4.33 -2.90
CA GLN A 159 -3.98 -3.49 -1.73
C GLN A 159 -2.76 -3.61 -0.82
N TYR A 160 -2.97 -3.55 0.50
CA TYR A 160 -1.89 -3.72 1.46
C TYR A 160 -1.69 -5.17 1.84
N PHE A 161 -2.78 -5.93 2.00
CA PHE A 161 -2.71 -7.32 2.44
C PHE A 161 -3.71 -8.19 1.68
N GLY A 162 -4.09 -7.78 0.47
CA GLY A 162 -5.03 -8.51 -0.35
C GLY A 162 -4.36 -9.34 -1.42
N GLY A 163 -5.19 -9.85 -2.32
CA GLY A 163 -4.71 -10.75 -3.37
C GLY A 163 -4.35 -12.12 -2.81
N VAL A 164 -3.09 -12.30 -2.45
CA VAL A 164 -2.61 -13.53 -1.83
C VAL A 164 -1.82 -13.14 -0.59
N SER A 165 -2.24 -13.66 0.56
CA SER A 165 -1.56 -13.40 1.82
C SER A 165 -1.74 -14.61 2.72
N ALA A 166 -0.95 -14.66 3.79
CA ALA A 166 -0.95 -15.79 4.69
C ALA A 166 -0.94 -15.30 6.13
N LEU A 167 -1.69 -16.00 6.98
CA LEU A 167 -1.69 -15.76 8.41
C LEU A 167 -1.63 -17.10 9.13
N SER A 168 -0.70 -17.23 10.06
CA SER A 168 -0.71 -18.39 10.94
C SER A 168 -2.01 -18.38 11.74
N LYS A 169 -2.34 -19.55 12.30
CA LYS A 169 -3.54 -19.64 13.12
C LYS A 169 -3.51 -18.59 14.24
N GLN A 170 -2.37 -18.47 14.92
CA GLN A 170 -2.26 -17.51 16.02
C GLN A 170 -2.43 -16.08 15.52
N GLN A 171 -1.75 -15.73 14.42
CA GLN A 171 -1.92 -14.40 13.87
C GLN A 171 -3.37 -14.12 13.50
N PHE A 172 -4.04 -15.09 12.87
CA PHE A 172 -5.45 -14.94 12.51
C PHE A 172 -6.32 -14.72 13.74
N LEU A 173 -6.10 -15.52 14.79
CA LEU A 173 -6.96 -15.42 15.97
C LEU A 173 -6.71 -14.13 16.73
N THR A 174 -5.49 -13.59 16.66
CA THR A 174 -5.17 -12.37 17.41
C THR A 174 -5.98 -11.19 16.94
N ILE A 175 -6.29 -11.12 15.64
CA ILE A 175 -7.01 -9.99 15.07
C ILE A 175 -8.51 -10.29 15.00
N ASN A 176 -8.93 -11.41 15.57
CA ASN A 176 -10.32 -11.83 15.52
C ASN A 176 -10.78 -12.05 14.08
N GLY A 177 -9.86 -12.53 13.24
CA GLY A 177 -10.18 -12.81 11.85
C GLY A 177 -10.51 -11.55 11.06
N PHE A 178 -11.20 -11.77 9.94
CA PHE A 178 -11.59 -10.70 9.05
C PHE A 178 -12.94 -10.12 9.46
N PRO A 179 -13.24 -8.89 9.05
CA PRO A 179 -14.59 -8.35 9.29
C PRO A 179 -15.63 -9.07 8.44
N ASN A 180 -16.88 -9.00 8.90
CA ASN A 180 -17.99 -9.68 8.25
C ASN A 180 -18.97 -8.74 7.57
N ASN A 181 -18.81 -7.42 7.70
CA ASN A 181 -19.83 -6.47 7.28
C ASN A 181 -19.36 -5.60 6.11
N TYR A 182 -18.30 -6.00 5.42
CA TYR A 182 -17.82 -5.27 4.24
C TYR A 182 -18.39 -5.94 3.00
N TRP A 183 -19.55 -5.44 2.56
CA TRP A 183 -20.25 -5.98 1.41
C TRP A 183 -19.84 -5.24 0.14
N GLY A 184 -19.54 -6.00 -0.90
CA GLY A 184 -19.11 -5.45 -2.17
C GLY A 184 -17.60 -5.44 -2.32
N TRP A 185 -17.15 -4.68 -3.30
CA TRP A 185 -15.74 -4.58 -3.65
C TRP A 185 -15.27 -3.20 -3.20
N GLY A 186 -14.45 -3.19 -2.15
CA GLY A 186 -14.05 -1.93 -1.55
C GLY A 186 -12.60 -1.55 -1.80
N GLY A 187 -11.84 -2.41 -2.48
CA GLY A 187 -10.48 -2.04 -2.79
C GLY A 187 -9.63 -2.08 -1.53
N GLU A 188 -8.69 -1.14 -1.44
CA GLU A 188 -7.85 -1.01 -0.25
C GLU A 188 -8.59 -0.44 0.94
N ASP A 189 -9.90 -0.18 0.82
CA ASP A 189 -10.70 0.22 1.97
C ASP A 189 -11.16 -0.97 2.80
N ASP A 190 -11.36 -2.14 2.16
CA ASP A 190 -11.69 -3.37 2.85
C ASP A 190 -10.46 -4.07 3.43
N ASP A 191 -9.28 -3.48 3.29
CA ASP A 191 -8.05 -4.13 3.72
C ASP A 191 -7.95 -4.16 5.24
N ILE A 192 -7.50 -5.30 5.78
CA ILE A 192 -7.43 -5.53 7.22
C ILE A 192 -6.09 -5.06 7.76
N PHE A 193 -5.38 -4.22 7.00
CA PHE A 193 -4.14 -3.61 7.51
C PHE A 193 -4.32 -3.04 8.91
N ASN A 194 -5.45 -2.41 9.18
CA ASN A 194 -5.64 -1.78 10.49
C ASN A 194 -5.63 -2.82 11.61
N ARG A 195 -6.18 -4.02 11.35
CA ARG A 195 -6.21 -5.03 12.40
C ARG A 195 -4.81 -5.50 12.77
N LEU A 196 -3.95 -5.70 11.77
CA LEU A 196 -2.56 -6.08 12.06
C LEU A 196 -1.86 -4.99 12.85
N VAL A 197 -2.10 -3.72 12.50
CA VAL A 197 -1.50 -2.61 13.24
C VAL A 197 -1.99 -2.61 14.68
N PHE A 198 -3.31 -2.71 14.87
CA PHE A 198 -3.88 -2.66 16.21
C PHE A 198 -3.22 -3.65 17.15
N ARG A 199 -2.77 -4.79 16.64
CA ARG A 199 -2.13 -5.82 17.46
C ARG A 199 -0.62 -5.81 17.34
N GLY A 200 -0.03 -4.74 16.82
CA GLY A 200 1.41 -4.60 16.82
C GLY A 200 2.14 -5.54 15.89
N MET A 201 1.53 -5.89 14.76
CA MET A 201 2.16 -6.73 13.76
C MET A 201 2.46 -5.90 12.51
N SER A 202 3.41 -6.40 11.72
CA SER A 202 3.80 -5.76 10.48
C SER A 202 3.72 -6.78 9.35
N ILE A 203 4.05 -6.33 8.14
CA ILE A 203 3.93 -7.15 6.94
C ILE A 203 5.31 -7.66 6.54
N SER A 204 5.40 -8.96 6.31
CA SER A 204 6.55 -9.56 5.66
C SER A 204 6.20 -9.89 4.22
N ARG A 205 7.21 -9.86 3.35
CA ARG A 205 7.00 -10.07 1.92
C ARG A 205 8.32 -10.45 1.28
N PRO A 206 8.29 -11.14 0.15
CA PRO A 206 9.49 -11.29 -0.67
C PRO A 206 9.73 -10.02 -1.47
N ASN A 207 10.87 -9.99 -2.16
CA ASN A 207 11.11 -8.87 -3.04
C ASN A 207 10.14 -8.92 -4.22
N ALA A 208 9.97 -7.77 -4.87
CA ALA A 208 8.91 -7.62 -5.85
C ALA A 208 9.08 -8.53 -7.07
N VAL A 209 10.30 -9.02 -7.32
CA VAL A 209 10.52 -9.91 -8.46
C VAL A 209 10.08 -11.33 -8.13
N VAL A 210 10.53 -11.86 -6.99
CA VAL A 210 10.07 -13.18 -6.56
C VAL A 210 8.57 -13.17 -6.30
N GLY A 211 8.06 -12.06 -5.78
CA GLY A 211 6.66 -11.92 -5.44
C GLY A 211 5.75 -11.57 -6.58
N ARG A 212 6.25 -11.53 -7.82
CA ARG A 212 5.42 -11.18 -8.96
C ARG A 212 4.33 -12.22 -9.15
N CYS A 213 3.10 -11.73 -9.40
CA CYS A 213 1.98 -12.59 -9.75
C CYS A 213 1.37 -12.12 -11.06
N ARG A 214 0.79 -13.07 -11.79
CA ARG A 214 0.11 -12.79 -13.04
C ARG A 214 -1.39 -13.00 -12.85
N MET A 215 -2.18 -12.11 -13.42
CA MET A 215 -3.63 -12.16 -13.27
C MET A 215 -4.24 -12.91 -14.45
N ILE A 216 -5.15 -13.83 -14.15
CA ILE A 216 -5.83 -14.58 -15.20
C ILE A 216 -6.66 -13.61 -16.03
N ARG A 217 -6.39 -13.55 -17.32
CA ARG A 217 -7.00 -12.55 -18.18
C ARG A 217 -6.80 -12.94 -19.62
N HIS A 218 -7.50 -12.22 -20.51
CA HIS A 218 -7.32 -12.33 -21.95
C HIS A 218 -7.38 -10.96 -22.61
N SER A 219 -6.91 -9.93 -21.91
CA SER A 219 -7.03 -8.55 -22.38
C SER A 219 -5.71 -8.06 -22.95
N GLU A 239 -11.14 -1.47 17.64
CA GLU A 239 -12.34 -1.36 18.45
C GLU A 239 -13.46 -2.19 17.84
N THR A 240 -13.87 -1.83 16.62
CA THR A 240 -14.79 -2.68 15.89
C THR A 240 -14.18 -4.06 15.64
N MET A 241 -12.85 -4.15 15.64
CA MET A 241 -12.19 -5.45 15.47
C MET A 241 -12.66 -6.43 16.53
N LEU A 242 -12.63 -6.03 17.80
CA LEU A 242 -12.93 -6.94 18.90
C LEU A 242 -14.37 -7.44 18.85
N SER A 243 -15.25 -6.76 18.11
CA SER A 243 -16.65 -7.12 18.07
C SER A 243 -17.16 -7.57 16.72
N ASP A 244 -16.44 -7.27 15.64
CA ASP A 244 -16.81 -7.71 14.29
C ASP A 244 -15.71 -8.64 13.79
N GLY A 245 -15.95 -9.94 13.83
CA GLY A 245 -14.97 -10.87 13.33
C GLY A 245 -15.34 -12.34 13.50
N LEU A 246 -14.33 -13.16 13.80
CA LEU A 246 -14.56 -14.59 13.93
C LEU A 246 -15.57 -14.89 15.04
N ASN A 247 -15.50 -14.16 16.16
CA ASN A 247 -16.34 -14.44 17.30
C ASN A 247 -17.80 -14.07 17.08
N SER A 248 -18.10 -13.28 16.05
CA SER A 248 -19.47 -12.93 15.69
C SER A 248 -19.90 -13.53 14.37
N LEU A 249 -19.16 -14.51 13.85
CA LEU A 249 -19.43 -15.06 12.52
C LEU A 249 -20.64 -15.99 12.56
N THR A 250 -21.55 -15.79 11.62
CA THR A 250 -22.72 -16.65 11.46
C THR A 250 -22.93 -16.93 9.98
N TYR A 251 -23.26 -18.18 9.66
CA TYR A 251 -23.44 -18.59 8.28
C TYR A 251 -24.05 -19.99 8.26
N GLN A 252 -24.55 -20.37 7.08
CA GLN A 252 -25.19 -21.66 6.87
C GLN A 252 -24.51 -22.37 5.71
N VAL A 253 -23.92 -23.53 5.98
CA VAL A 253 -23.39 -24.38 4.92
C VAL A 253 -24.54 -25.06 4.20
N LEU A 254 -24.57 -24.93 2.88
CA LEU A 254 -25.60 -25.55 2.06
C LEU A 254 -25.11 -26.78 1.31
N ASP A 255 -23.81 -26.87 1.00
CA ASP A 255 -23.28 -28.04 0.33
C ASP A 255 -21.79 -28.15 0.60
N VAL A 256 -21.30 -29.38 0.60
CA VAL A 256 -19.87 -29.68 0.64
C VAL A 256 -19.60 -30.76 -0.40
N GLN A 257 -18.75 -30.45 -1.37
CA GLN A 257 -18.39 -31.38 -2.43
C GLN A 257 -16.89 -31.64 -2.40
N ARG A 258 -16.52 -32.92 -2.44
CA ARG A 258 -15.13 -33.36 -2.42
C ARG A 258 -14.72 -33.78 -3.82
N TYR A 259 -14.09 -32.87 -4.56
CA TYR A 259 -13.53 -33.20 -5.87
C TYR A 259 -12.12 -33.73 -5.71
N PRO A 260 -11.58 -34.40 -6.74
CA PRO A 260 -10.19 -34.86 -6.65
C PRO A 260 -9.20 -33.78 -6.26
N LEU A 261 -9.37 -32.57 -6.77
CA LEU A 261 -8.37 -31.51 -6.65
C LEU A 261 -8.73 -30.39 -5.70
N TYR A 262 -9.96 -30.37 -5.17
CA TYR A 262 -10.31 -29.32 -4.22
C TYR A 262 -11.58 -29.68 -3.48
N THR A 263 -11.76 -29.06 -2.32
CA THR A 263 -13.01 -29.09 -1.58
C THR A 263 -13.75 -27.79 -1.83
N GLN A 264 -15.03 -27.89 -2.20
CA GLN A 264 -15.87 -26.71 -2.41
C GLN A 264 -16.97 -26.69 -1.36
N ILE A 265 -17.03 -25.61 -0.60
CA ILE A 265 -18.06 -25.38 0.40
C ILE A 265 -18.96 -24.25 -0.09
N THR A 266 -20.24 -24.56 -0.27
CA THR A 266 -21.23 -23.58 -0.68
C THR A 266 -21.98 -23.09 0.56
N VAL A 267 -21.94 -21.79 0.81
CA VAL A 267 -22.49 -21.21 2.04
C VAL A 267 -23.40 -20.04 1.73
N ASP A 268 -24.39 -19.86 2.60
CA ASP A 268 -25.17 -18.63 2.67
C ASP A 268 -24.60 -17.77 3.79
N ILE A 269 -24.06 -16.61 3.43
CA ILE A 269 -23.48 -15.68 4.39
C ILE A 269 -24.39 -14.47 4.62
N GLY A 270 -25.65 -14.58 4.22
CA GLY A 270 -26.62 -13.53 4.49
C GLY A 270 -26.54 -12.37 3.51
N THR A 271 -27.09 -11.25 3.95
CA THR A 271 -27.19 -10.03 3.17
C THR A 271 -26.80 -8.85 4.02
N PRO A 272 -26.52 -7.69 3.40
CA PRO A 272 -26.21 -6.49 4.18
C PRO A 272 -27.34 -6.08 5.12
N SER B 1 -14.92 40.07 -0.07
CA SER B 1 -14.88 40.93 -1.26
C SER B 1 -14.75 40.09 -2.52
N LEU B 2 -13.63 39.38 -2.64
CA LEU B 2 -13.40 38.52 -3.79
C LEU B 2 -14.29 37.28 -3.72
N PRO B 3 -14.60 36.68 -4.86
CA PRO B 3 -15.34 35.42 -4.85
C PRO B 3 -14.44 34.24 -4.51
N ALA B 4 -15.08 33.16 -4.08
CA ALA B 4 -14.35 31.92 -3.84
C ALA B 4 -13.90 31.32 -5.16
N CYS B 5 -12.71 30.73 -5.16
CA CYS B 5 -12.21 30.05 -6.34
C CYS B 5 -13.09 28.84 -6.63
N PRO B 6 -13.23 28.45 -7.90
CA PRO B 6 -14.05 27.29 -8.21
C PRO B 6 -13.52 26.04 -7.53
N GLU B 7 -14.35 25.02 -7.46
CA GLU B 7 -13.96 23.79 -6.81
C GLU B 7 -12.84 23.09 -7.59
N GLU B 8 -12.99 23.01 -8.90
CA GLU B 8 -11.93 22.57 -9.79
C GLU B 8 -11.43 23.77 -10.59
N SER B 9 -10.11 23.91 -10.69
CA SER B 9 -9.55 25.06 -11.37
C SER B 9 -9.71 24.92 -12.88
N PRO B 10 -10.06 25.99 -13.60
CA PRO B 10 -10.13 25.93 -15.06
C PRO B 10 -8.79 26.11 -15.76
N LEU B 11 -7.73 26.42 -15.03
CA LEU B 11 -6.43 26.72 -15.61
C LEU B 11 -5.57 25.48 -15.81
N LEU B 12 -6.07 24.29 -15.47
CA LEU B 12 -5.26 23.09 -15.54
C LEU B 12 -5.01 22.71 -17.00
N VAL B 13 -3.83 22.15 -17.24
CA VAL B 13 -3.43 21.73 -18.58
C VAL B 13 -3.23 20.23 -18.67
N GLY B 14 -3.29 19.51 -17.56
CA GLY B 14 -3.18 18.08 -17.58
C GLY B 14 -1.75 17.61 -17.64
N PRO B 15 -1.49 16.51 -18.36
CA PRO B 15 -0.12 15.97 -18.39
C PRO B 15 0.86 16.95 -18.98
N MET B 16 2.07 16.93 -18.45
CA MET B 16 3.14 17.81 -18.87
C MET B 16 4.41 16.98 -18.98
N LEU B 17 5.24 17.31 -19.97
CA LEU B 17 6.53 16.63 -20.13
C LEU B 17 7.52 17.14 -19.09
N ILE B 18 8.13 16.21 -18.37
CA ILE B 18 9.16 16.50 -17.37
C ILE B 18 10.47 15.95 -17.90
N GLU B 19 11.41 16.84 -18.19
CA GLU B 19 12.74 16.45 -18.65
C GLU B 19 13.77 17.19 -17.81
N PHE B 20 14.89 16.50 -17.54
CA PHE B 20 15.98 17.06 -16.74
C PHE B 20 17.26 17.07 -17.55
N ASN B 21 17.15 17.43 -18.82
CA ASN B 21 18.28 17.57 -19.73
C ASN B 21 18.50 19.02 -20.10
N MET B 22 18.13 19.92 -19.20
CA MET B 22 18.15 21.37 -19.39
C MET B 22 18.54 22.07 -18.10
N PRO B 23 19.62 22.87 -18.10
CA PRO B 23 19.96 23.60 -16.87
C PRO B 23 18.89 24.62 -16.51
N VAL B 24 18.77 24.86 -15.21
CA VAL B 24 17.75 25.76 -14.66
C VAL B 24 18.44 26.91 -13.94
N ASP B 25 18.01 28.13 -14.23
CA ASP B 25 18.46 29.33 -13.54
C ASP B 25 17.26 29.91 -12.78
N LEU B 26 17.39 29.96 -11.45
CA LEU B 26 16.28 30.43 -10.62
C LEU B 26 15.96 31.90 -10.84
N GLU B 27 16.91 32.69 -11.34
CA GLU B 27 16.58 34.07 -11.71
C GLU B 27 15.56 34.10 -12.84
N LEU B 28 15.66 33.15 -13.78
CA LEU B 28 14.68 33.06 -14.86
C LEU B 28 13.36 32.50 -14.35
N VAL B 29 13.42 31.51 -13.46
CA VAL B 29 12.19 30.94 -12.91
C VAL B 29 11.39 32.02 -12.18
N ALA B 30 12.09 32.90 -11.45
CA ALA B 30 11.40 33.97 -10.73
C ALA B 30 10.70 34.93 -11.69
N LYS B 31 11.35 35.28 -12.80
CA LYS B 31 10.73 36.19 -13.75
C LYS B 31 9.59 35.52 -14.51
N GLN B 32 9.59 34.18 -14.60
CA GLN B 32 8.50 33.45 -15.20
C GLN B 32 7.29 33.36 -14.28
N ASN B 33 7.48 33.48 -12.96
CA ASN B 33 6.41 33.42 -11.97
C ASN B 33 6.45 34.71 -11.15
N PRO B 34 6.15 35.86 -11.77
CA PRO B 34 6.31 37.14 -11.07
C PRO B 34 5.30 37.38 -9.95
N ASN B 35 4.23 36.60 -9.86
CA ASN B 35 3.25 36.78 -8.80
C ASN B 35 3.63 36.08 -7.49
N VAL B 36 4.71 35.31 -7.48
CA VAL B 36 5.21 34.69 -6.26
C VAL B 36 5.97 35.73 -5.46
N LYS B 37 5.65 35.87 -4.18
CA LYS B 37 6.27 36.89 -3.35
C LYS B 37 7.56 36.36 -2.74
N MET B 38 8.40 37.29 -2.29
CA MET B 38 9.62 36.94 -1.57
C MET B 38 9.31 35.89 -0.51
N GLY B 39 10.15 34.85 -0.45
CA GLY B 39 9.91 33.74 0.45
C GLY B 39 9.12 32.59 -0.13
N GLY B 40 8.78 32.64 -1.41
CA GLY B 40 7.99 31.59 -2.04
C GLY B 40 6.53 31.57 -1.64
N ARG B 41 5.90 32.74 -1.53
CA ARG B 41 4.53 32.87 -1.09
C ARG B 41 3.65 33.33 -2.26
N TYR B 42 2.46 32.74 -2.37
CA TYR B 42 1.56 33.07 -3.47
C TYR B 42 0.11 32.91 -3.03
N ALA B 43 -0.75 33.77 -3.58
CA ALA B 43 -2.19 33.65 -3.43
C ALA B 43 -2.85 34.17 -4.71
N PRO B 44 -3.95 33.57 -5.15
CA PRO B 44 -4.62 34.08 -6.36
C PRO B 44 -5.02 35.53 -6.20
N ARG B 45 -4.93 36.27 -7.31
CA ARG B 45 -5.38 37.66 -7.33
C ARG B 45 -6.89 37.78 -7.48
N ASP B 46 -7.54 36.83 -8.17
CA ASP B 46 -8.92 36.99 -8.62
C ASP B 46 -9.94 36.25 -7.75
N CYS B 47 -9.51 35.36 -6.86
CA CYS B 47 -10.46 34.61 -6.06
C CYS B 47 -9.79 34.14 -4.78
N VAL B 48 -10.64 33.83 -3.79
CA VAL B 48 -10.17 33.33 -2.50
C VAL B 48 -10.16 31.81 -2.53
N SER B 49 -9.02 31.22 -2.21
CA SER B 49 -8.88 29.77 -2.16
C SER B 49 -9.13 29.27 -0.75
N PRO B 50 -9.87 28.17 -0.58
CA PRO B 50 -9.98 27.54 0.74
C PRO B 50 -8.81 26.67 1.11
N HIS B 51 -7.82 26.55 0.23
CA HIS B 51 -6.67 25.68 0.43
C HIS B 51 -5.49 26.55 0.87
N LYS B 52 -5.20 26.55 2.18
CA LYS B 52 -4.05 27.24 2.74
C LYS B 52 -2.97 26.18 2.97
N VAL B 53 -2.08 26.03 1.99
CA VAL B 53 -1.17 24.90 1.91
C VAL B 53 0.25 25.36 2.18
N ALA B 54 0.89 24.72 3.15
CA ALA B 54 2.34 24.83 3.32
C ALA B 54 2.99 23.57 2.76
N ILE B 55 3.80 23.73 1.72
CA ILE B 55 4.55 22.62 1.16
C ILE B 55 5.90 22.56 1.87
N ILE B 56 6.18 21.41 2.47
CA ILE B 56 7.34 21.22 3.34
C ILE B 56 8.25 20.20 2.68
N ILE B 57 9.49 20.60 2.41
CA ILE B 57 10.45 19.75 1.70
C ILE B 57 11.60 19.42 2.65
N PRO B 58 11.77 18.16 3.07
CA PRO B 58 12.97 17.80 3.82
C PRO B 58 14.18 17.80 2.90
N PHE B 59 15.29 18.36 3.37
CA PHE B 59 16.32 18.79 2.44
C PHE B 59 17.70 18.76 3.08
N ARG B 60 18.69 18.48 2.24
CA ARG B 60 20.10 18.58 2.60
C ARG B 60 20.92 18.35 1.35
N ASN B 61 21.64 19.37 0.89
CA ASN B 61 22.60 19.22 -0.20
C ASN B 61 21.97 18.60 -1.44
N ARG B 62 20.89 19.23 -1.90
CA ARG B 62 20.20 18.80 -3.13
C ARG B 62 19.73 20.03 -3.91
N GLN B 63 20.64 20.99 -4.07
CA GLN B 63 20.28 22.27 -4.69
C GLN B 63 19.84 22.09 -6.13
N GLU B 64 20.52 21.21 -6.89
CA GLU B 64 20.13 20.98 -8.27
C GLU B 64 18.72 20.41 -8.36
N HIS B 65 18.41 19.38 -7.56
CA HIS B 65 17.04 18.87 -7.54
C HIS B 65 16.05 19.96 -7.17
N LEU B 66 16.41 20.82 -6.22
CA LEU B 66 15.50 21.87 -5.80
C LEU B 66 15.21 22.86 -6.93
N LYS B 67 16.24 23.18 -7.73
CA LYS B 67 16.02 24.04 -8.89
C LYS B 67 14.93 23.48 -9.80
N TYR B 68 15.02 22.17 -10.10
CA TYR B 68 14.02 21.55 -10.96
C TYR B 68 12.65 21.54 -10.28
N TRP B 69 12.61 21.22 -8.99
CA TRP B 69 11.35 21.23 -8.25
C TRP B 69 10.67 22.59 -8.35
N LEU B 70 11.40 23.66 -8.06
CA LEU B 70 10.81 24.99 -8.12
C LEU B 70 10.38 25.33 -9.55
N TYR B 71 11.22 25.00 -10.53
CA TYR B 71 10.89 25.28 -11.93
C TYR B 71 9.57 24.64 -12.34
N TYR B 72 9.26 23.46 -11.80
CA TYR B 72 8.09 22.69 -12.23
C TYR B 72 6.87 22.89 -11.35
N LEU B 73 7.03 23.11 -10.05
CA LEU B 73 5.86 23.13 -9.16
C LEU B 73 5.24 24.52 -9.03
N HIS B 74 6.03 25.60 -9.08
CA HIS B 74 5.43 26.92 -8.95
C HIS B 74 4.35 27.17 -9.99
N PRO B 75 4.55 26.89 -11.27
CA PRO B 75 3.42 27.00 -12.23
C PRO B 75 2.27 26.08 -11.89
N VAL B 76 2.56 24.85 -11.45
CA VAL B 76 1.49 23.89 -11.15
C VAL B 76 0.64 24.40 -9.99
N LEU B 77 1.28 24.84 -8.91
CA LEU B 77 0.55 25.25 -7.73
C LEU B 77 -0.32 26.47 -8.03
N GLN B 78 0.18 27.39 -8.85
CA GLN B 78 -0.63 28.55 -9.24
C GLN B 78 -1.81 28.13 -10.10
N ARG B 79 -1.56 27.27 -11.10
CA ARG B 79 -2.65 26.77 -11.93
C ARG B 79 -3.72 26.08 -11.08
N GLN B 80 -3.33 25.44 -9.99
CA GLN B 80 -4.30 24.83 -9.08
C GLN B 80 -4.97 25.86 -8.17
N GLN B 81 -4.62 27.15 -8.30
CA GLN B 81 -5.28 28.23 -7.57
C GLN B 81 -5.13 28.05 -6.07
N LEU B 82 -3.95 27.66 -5.63
CA LEU B 82 -3.71 27.42 -4.21
C LEU B 82 -3.15 28.68 -3.56
N ASP B 83 -3.38 28.77 -2.25
CA ASP B 83 -2.82 29.83 -1.41
C ASP B 83 -1.72 29.17 -0.59
N TYR B 84 -0.49 29.22 -1.11
CA TYR B 84 0.57 28.32 -0.64
C TYR B 84 1.85 29.06 -0.32
N GLY B 85 2.73 28.35 0.40
CA GLY B 85 4.09 28.80 0.61
C GLY B 85 5.04 27.61 0.63
N ILE B 86 6.31 27.87 0.30
CA ILE B 86 7.31 26.83 0.10
C ILE B 86 8.32 26.92 1.24
N TYR B 87 8.49 25.81 1.96
CA TYR B 87 9.38 25.76 3.13
C TYR B 87 10.35 24.59 2.97
N VAL B 88 11.62 24.91 2.79
CA VAL B 88 12.68 23.91 2.68
C VAL B 88 13.35 23.76 4.04
N ILE B 89 13.27 22.56 4.62
CA ILE B 89 13.82 22.29 5.94
C ILE B 89 15.17 21.62 5.72
N ASN B 90 16.24 22.38 5.92
CA ASN B 90 17.60 21.92 5.64
C ASN B 90 18.23 21.40 6.92
N GLN B 91 18.60 20.12 6.93
CA GLN B 91 19.18 19.49 8.11
C GLN B 91 20.66 19.84 8.20
N ALA B 92 21.01 20.69 9.16
CA ALA B 92 22.40 21.06 9.40
C ALA B 92 23.20 19.86 9.89
N GLY B 93 24.49 19.84 9.57
CA GLY B 93 25.39 18.80 10.03
C GLY B 93 25.45 17.60 9.11
N ASP B 94 26.22 16.60 9.55
CA ASP B 94 26.39 15.35 8.83
C ASP B 94 25.89 14.17 9.64
N THR B 95 24.80 14.37 10.38
CA THR B 95 24.15 13.26 11.05
C THR B 95 23.38 12.40 10.05
N ILE B 96 22.91 11.25 10.53
CA ILE B 96 22.01 10.44 9.74
C ILE B 96 20.73 11.22 9.48
N PHE B 97 20.19 11.07 8.28
CA PHE B 97 19.02 11.85 7.89
C PHE B 97 17.80 11.42 8.68
N ASN B 98 16.94 12.38 9.01
CA ASN B 98 15.73 12.14 9.79
C ASN B 98 14.60 12.90 9.09
N ARG B 99 14.02 12.26 8.07
CA ARG B 99 12.97 12.89 7.29
C ARG B 99 11.79 13.29 8.18
N ALA B 100 11.32 12.35 9.01
CA ALA B 100 10.11 12.60 9.77
C ALA B 100 10.26 13.80 10.70
N LYS B 101 11.40 13.90 11.39
CA LYS B 101 11.59 15.01 12.32
C LYS B 101 11.60 16.33 11.59
N LEU B 102 12.24 16.40 10.42
CA LEU B 102 12.26 17.63 9.65
C LEU B 102 10.86 18.05 9.23
N LEU B 103 10.00 17.09 8.91
CA LEU B 103 8.62 17.41 8.57
C LEU B 103 7.91 18.04 9.76
N ASN B 104 8.18 17.55 10.97
CA ASN B 104 7.61 18.17 12.16
C ASN B 104 8.09 19.61 12.31
N VAL B 105 9.38 19.86 12.08
CA VAL B 105 9.91 21.21 12.14
C VAL B 105 9.19 22.11 11.14
N GLY B 106 9.03 21.62 9.91
CA GLY B 106 8.39 22.42 8.88
C GLY B 106 6.98 22.80 9.25
N PHE B 107 6.24 21.88 9.84
CA PHE B 107 4.87 22.17 10.29
C PHE B 107 4.88 23.31 11.30
N GLN B 108 5.74 23.21 12.31
CA GLN B 108 5.78 24.22 13.36
C GLN B 108 6.25 25.56 12.82
N GLU B 109 7.23 25.55 11.92
CA GLU B 109 7.81 26.80 11.42
C GLU B 109 6.89 27.49 10.42
N ALA B 110 6.27 26.72 9.51
CA ALA B 110 5.38 27.33 8.54
C ALA B 110 4.23 28.07 9.22
N LEU B 111 3.75 27.53 10.34
CA LEU B 111 2.63 28.13 11.05
C LEU B 111 3.00 29.46 11.70
N LYS B 112 4.30 29.74 11.85
CA LYS B 112 4.72 31.04 12.35
C LYS B 112 4.56 32.13 11.30
N ASP B 113 4.50 31.76 10.01
CA ASP B 113 4.28 32.73 8.95
C ASP B 113 2.79 33.00 8.72
N TYR B 114 1.95 31.98 8.85
CA TYR B 114 0.58 32.06 8.35
C TYR B 114 -0.19 30.88 8.91
N ASP B 115 -1.51 31.05 9.01
CA ASP B 115 -2.38 30.04 9.58
C ASP B 115 -2.76 29.03 8.49
N TYR B 116 -1.75 28.29 8.04
CA TYR B 116 -1.99 27.20 7.10
C TYR B 116 -2.90 26.15 7.73
N THR B 117 -3.76 25.57 6.91
CA THR B 117 -4.65 24.50 7.34
C THR B 117 -4.40 23.20 6.59
N CYS B 118 -3.47 23.19 5.65
CA CYS B 118 -3.10 21.99 4.90
C CYS B 118 -1.59 21.97 4.76
N PHE B 119 -1.01 20.76 4.87
CA PHE B 119 0.44 20.60 4.83
C PHE B 119 0.79 19.48 3.86
N VAL B 120 1.55 19.82 2.83
CA VAL B 120 2.04 18.85 1.86
C VAL B 120 3.50 18.57 2.17
N PHE B 121 3.81 17.30 2.45
CA PHE B 121 5.17 16.86 2.72
C PHE B 121 5.69 16.21 1.45
N SER B 122 6.71 16.80 0.83
CA SER B 122 7.15 16.43 -0.50
C SER B 122 8.66 16.25 -0.55
N ASP B 123 9.10 15.09 -1.01
CA ASP B 123 10.50 14.91 -1.36
C ASP B 123 10.87 15.87 -2.48
N VAL B 124 12.13 16.34 -2.44
CA VAL B 124 12.57 17.33 -3.43
C VAL B 124 12.74 16.71 -4.80
N ASP B 125 12.81 15.38 -4.90
CA ASP B 125 13.12 14.69 -6.15
C ASP B 125 11.91 13.99 -6.76
N LEU B 126 10.70 14.50 -6.53
CA LEU B 126 9.49 13.94 -7.12
C LEU B 126 8.68 15.06 -7.75
N ILE B 127 8.44 14.95 -9.05
CA ILE B 127 7.73 15.96 -9.83
C ILE B 127 6.41 15.35 -10.31
N PRO B 128 5.27 16.00 -10.08
CA PRO B 128 4.01 15.44 -10.57
C PRO B 128 3.86 15.66 -12.06
N MET B 129 3.43 14.62 -12.76
CA MET B 129 3.33 14.64 -14.21
C MET B 129 1.97 15.14 -14.71
N ASN B 130 1.06 15.54 -13.82
CA ASN B 130 -0.26 15.97 -14.22
C ASN B 130 -0.81 16.90 -13.15
N ASP B 131 -1.08 18.15 -13.53
CA ASP B 131 -1.54 19.13 -12.55
C ASP B 131 -2.98 18.89 -12.08
N HIS B 132 -3.66 17.85 -12.59
CA HIS B 132 -4.90 17.40 -11.97
C HIS B 132 -4.65 16.72 -10.63
N ASN B 133 -3.40 16.42 -10.31
CA ASN B 133 -3.03 15.84 -9.01
C ASN B 133 -2.97 16.97 -8.00
N ALA B 134 -4.05 17.12 -7.22
CA ALA B 134 -4.21 18.29 -6.36
C ALA B 134 -3.23 18.27 -5.20
N TYR B 135 -2.46 19.35 -5.05
CA TYR B 135 -1.51 19.48 -3.94
C TYR B 135 -2.19 20.19 -2.76
N ARG B 136 -3.18 19.50 -2.19
CA ARG B 136 -3.91 20.05 -1.06
C ARG B 136 -4.60 18.90 -0.33
N CYS B 137 -5.37 19.25 0.69
CA CYS B 137 -5.89 18.30 1.65
C CYS B 137 -7.33 17.91 1.32
N PHE B 138 -7.73 16.76 1.87
CA PHE B 138 -9.05 16.18 1.62
C PHE B 138 -9.64 15.74 2.95
N SER B 139 -10.83 15.15 2.90
CA SER B 139 -11.49 14.69 4.11
C SER B 139 -10.74 13.53 4.76
N GLN B 140 -9.89 12.84 4.01
CA GLN B 140 -8.99 11.84 4.54
C GLN B 140 -7.55 12.20 4.18
N PRO B 141 -6.57 11.74 4.95
CA PRO B 141 -5.17 11.91 4.54
C PRO B 141 -4.98 11.55 3.08
N ARG B 142 -4.19 12.38 2.39
CA ARG B 142 -4.08 12.32 0.94
C ARG B 142 -2.69 11.86 0.54
N HIS B 143 -2.62 10.85 -0.32
CA HIS B 143 -1.38 10.37 -0.90
C HIS B 143 -1.29 10.93 -2.31
N ILE B 144 -0.34 11.83 -2.54
CA ILE B 144 -0.26 12.57 -3.80
C ILE B 144 0.61 11.83 -4.82
N SER B 145 1.77 11.34 -4.39
CA SER B 145 2.61 10.52 -5.25
C SER B 145 2.12 9.09 -5.16
N VAL B 146 1.38 8.65 -6.17
CA VAL B 146 0.76 7.33 -6.17
C VAL B 146 1.62 6.31 -6.92
N ALA B 147 2.12 6.69 -8.09
CA ALA B 147 2.89 5.80 -8.93
C ALA B 147 4.00 6.60 -9.60
N MET B 148 4.99 5.89 -10.11
CA MET B 148 6.17 6.48 -10.70
C MET B 148 6.04 6.62 -12.22
N ASP B 149 7.07 7.22 -12.82
CA ASP B 149 7.03 7.59 -14.23
C ASP B 149 6.62 6.41 -15.11
N LYS B 150 7.27 5.26 -14.97
CA LYS B 150 7.05 4.13 -15.86
C LYS B 150 6.08 3.10 -15.28
N PHE B 151 5.27 3.51 -14.31
CA PHE B 151 4.09 2.75 -13.86
C PHE B 151 4.45 1.32 -13.49
N GLY B 152 5.57 1.15 -12.78
CA GLY B 152 5.95 -0.12 -12.22
C GLY B 152 5.59 -0.21 -10.75
N PHE B 153 6.14 -1.24 -10.09
CA PHE B 153 5.93 -1.41 -8.66
C PHE B 153 6.47 -0.20 -7.93
N SER B 154 5.58 0.53 -7.25
CA SER B 154 5.88 1.87 -6.78
C SER B 154 6.12 1.94 -5.28
N LEU B 155 5.80 0.91 -4.53
CA LEU B 155 5.98 0.93 -3.08
C LEU B 155 7.40 1.31 -2.66
N PRO B 156 8.47 0.92 -3.38
CA PRO B 156 9.81 1.31 -2.94
C PRO B 156 10.03 2.81 -2.91
N TYR B 157 9.42 3.56 -3.82
CA TYR B 157 9.65 5.00 -3.91
C TYR B 157 8.66 5.81 -3.09
N VAL B 158 7.45 5.32 -2.86
CA VAL B 158 6.42 6.09 -2.17
C VAL B 158 5.88 5.41 -0.92
N GLN B 159 6.15 4.13 -0.72
CA GLN B 159 5.61 3.40 0.44
C GLN B 159 4.09 3.58 0.44
N TYR B 160 3.48 3.66 1.63
CA TYR B 160 2.05 3.90 1.74
C TYR B 160 1.70 5.38 1.78
N PHE B 161 2.51 6.19 2.46
CA PHE B 161 2.22 7.61 2.64
C PHE B 161 3.47 8.46 2.48
N GLY B 162 4.45 7.97 1.73
CA GLY B 162 5.70 8.68 1.51
C GLY B 162 5.73 9.38 0.16
N GLY B 163 6.92 9.89 -0.16
CA GLY B 163 7.08 10.68 -1.37
C GLY B 163 6.43 12.04 -1.24
N VAL B 164 5.17 12.13 -1.66
CA VAL B 164 4.38 13.35 -1.52
C VAL B 164 3.04 12.97 -0.92
N SER B 165 2.69 13.60 0.21
CA SER B 165 1.41 13.34 0.86
C SER B 165 0.97 14.63 1.55
N ALA B 166 -0.30 14.65 1.97
CA ALA B 166 -0.89 15.84 2.55
C ALA B 166 -1.72 15.49 3.78
N LEU B 167 -1.63 16.35 4.80
CA LEU B 167 -2.43 16.22 6.01
C LEU B 167 -2.93 17.60 6.40
N SER B 168 -4.23 17.71 6.67
CA SER B 168 -4.77 18.91 7.28
C SER B 168 -4.16 19.12 8.66
N LYS B 169 -4.26 20.36 9.16
CA LYS B 169 -3.76 20.63 10.50
C LYS B 169 -4.40 19.68 11.50
N GLN B 170 -5.71 19.48 11.40
CA GLN B 170 -6.40 18.61 12.35
C GLN B 170 -5.91 17.17 12.24
N GLN B 171 -5.79 16.66 11.01
CA GLN B 171 -5.27 15.31 10.81
C GLN B 171 -3.87 15.18 11.37
N PHE B 172 -3.00 16.16 11.09
CA PHE B 172 -1.64 16.14 11.62
C PHE B 172 -1.65 16.14 13.14
N LEU B 173 -2.49 17.00 13.74
CA LEU B 173 -2.51 17.12 15.20
C LEU B 173 -3.09 15.88 15.85
N THR B 174 -4.01 15.19 15.17
CA THR B 174 -4.65 14.02 15.77
C THR B 174 -3.65 12.90 16.03
N ILE B 175 -2.65 12.77 15.16
CA ILE B 175 -1.66 11.70 15.29
C ILE B 175 -0.43 12.20 16.03
N ASN B 176 -0.49 13.43 16.55
CA ASN B 176 0.65 14.06 17.21
C ASN B 176 1.83 14.18 16.25
N GLY B 177 1.51 14.45 14.98
CA GLY B 177 2.53 14.62 13.97
C GLY B 177 3.31 13.33 13.71
N PHE B 178 4.50 13.51 13.14
CA PHE B 178 5.38 12.39 12.81
C PHE B 178 6.27 12.04 14.00
N PRO B 179 6.82 10.83 14.02
CA PRO B 179 7.80 10.49 15.05
C PRO B 179 9.11 11.25 14.85
N ASN B 180 9.87 11.37 15.92
CA ASN B 180 11.13 12.10 15.92
C ASN B 180 12.35 11.19 16.08
N ASN B 181 12.15 9.89 16.29
CA ASN B 181 13.24 8.99 16.65
C ASN B 181 13.54 7.97 15.55
N TYR B 182 13.04 8.19 14.33
CA TYR B 182 13.33 7.30 13.20
C TYR B 182 14.47 7.91 12.41
N TRP B 183 15.69 7.53 12.75
CA TRP B 183 16.87 8.02 12.06
C TRP B 183 17.22 7.02 10.95
N GLY B 184 17.43 7.52 9.75
CA GLY B 184 17.74 6.68 8.61
C GLY B 184 16.51 6.36 7.78
N TRP B 185 16.67 5.36 6.92
CA TRP B 185 15.65 4.94 5.97
C TRP B 185 15.13 3.56 6.35
N GLY B 186 13.88 3.49 6.81
CA GLY B 186 13.32 2.26 7.31
C GLY B 186 12.30 1.59 6.41
N GLY B 187 12.04 2.20 5.26
CA GLY B 187 11.14 1.63 4.27
C GLY B 187 9.67 1.75 4.63
N GLU B 188 8.89 0.75 4.21
CA GLU B 188 7.45 0.74 4.48
C GLU B 188 7.11 0.35 5.91
N ASP B 189 8.10 0.05 6.74
CA ASP B 189 7.84 -0.21 8.15
C ASP B 189 7.76 1.08 8.95
N ASP B 190 8.56 2.09 8.57
CA ASP B 190 8.53 3.40 9.22
C ASP B 190 7.45 4.31 8.65
N ASP B 191 6.64 3.83 7.70
CA ASP B 191 5.53 4.62 7.21
C ASP B 191 4.57 4.90 8.35
N ILE B 192 4.07 6.14 8.40
CA ILE B 192 3.18 6.54 9.49
C ILE B 192 1.75 6.15 9.18
N PHE B 193 1.57 5.26 8.21
CA PHE B 193 0.25 4.67 8.00
C PHE B 193 -0.30 4.15 9.32
N ASN B 194 0.59 3.63 10.18
CA ASN B 194 0.18 3.08 11.47
C ASN B 194 -0.49 4.14 12.33
N ARG B 195 0.05 5.37 12.32
CA ARG B 195 -0.54 6.44 13.13
C ARG B 195 -1.92 6.81 12.64
N LEU B 196 -2.11 6.88 11.32
CA LEU B 196 -3.42 7.20 10.78
C LEU B 196 -4.44 6.14 11.18
N VAL B 197 -4.02 4.86 11.19
CA VAL B 197 -4.90 3.77 11.58
C VAL B 197 -5.36 3.94 13.03
N PHE B 198 -4.40 4.14 13.95
CA PHE B 198 -4.74 4.24 15.36
C PHE B 198 -5.83 5.28 15.61
N ARG B 199 -5.87 6.34 14.80
CA ARG B 199 -6.84 7.40 14.97
C ARG B 199 -8.01 7.25 13.99
N GLY B 200 -8.16 6.07 13.39
CA GLY B 200 -9.31 5.78 12.56
C GLY B 200 -9.36 6.50 11.23
N MET B 201 -8.22 6.76 10.61
CA MET B 201 -8.15 7.42 9.31
C MET B 201 -7.67 6.45 8.25
N SER B 202 -8.00 6.77 6.99
CA SER B 202 -7.59 5.97 5.83
C SER B 202 -6.90 6.87 4.82
N ILE B 203 -6.48 6.28 3.70
CA ILE B 203 -5.75 6.99 2.65
C ILE B 203 -6.69 7.32 1.51
N SER B 204 -6.68 8.58 1.09
CA SER B 204 -7.29 9.02 -0.16
C SER B 204 -6.19 9.25 -1.19
N ARG B 205 -6.53 9.09 -2.47
CA ARG B 205 -5.52 9.21 -3.51
C ARG B 205 -6.23 9.48 -4.84
N PRO B 206 -5.52 10.07 -5.79
CA PRO B 206 -6.02 10.12 -7.17
C PRO B 206 -5.82 8.79 -7.87
N ASN B 207 -6.32 8.69 -9.10
CA ASN B 207 -6.04 7.50 -9.88
C ASN B 207 -4.55 7.49 -10.28
N ALA B 208 -4.06 6.29 -10.61
CA ALA B 208 -2.62 6.09 -10.75
C ALA B 208 -2.02 6.84 -11.92
N VAL B 209 -2.82 7.21 -12.92
CA VAL B 209 -2.29 7.97 -14.04
C VAL B 209 -2.14 9.43 -13.67
N VAL B 210 -3.18 10.02 -13.10
CA VAL B 210 -3.08 11.38 -12.57
C VAL B 210 -2.04 11.45 -11.46
N GLY B 211 -1.89 10.37 -10.69
CA GLY B 211 -0.95 10.36 -9.60
C GLY B 211 0.48 10.04 -9.97
N ARG B 212 0.78 9.93 -11.27
CA ARG B 212 2.15 9.65 -11.68
C ARG B 212 3.09 10.80 -11.31
N CYS B 213 4.24 10.44 -10.76
CA CYS B 213 5.32 11.39 -10.50
C CYS B 213 6.58 10.87 -11.15
N ARG B 214 7.45 11.78 -11.57
CA ARG B 214 8.72 11.43 -12.16
C ARG B 214 9.86 11.83 -11.23
N MET B 215 10.86 10.96 -11.13
CA MET B 215 11.98 11.17 -10.23
C MET B 215 13.14 11.84 -10.98
N ILE B 216 13.72 12.85 -10.35
CA ILE B 216 14.87 13.53 -10.93
C ILE B 216 16.03 12.55 -11.00
N ARG B 217 16.52 12.30 -12.21
CA ARG B 217 17.56 11.30 -12.43
C ARG B 217 18.19 11.47 -13.81
N GLU B 239 -0.22 4.39 22.58
CA GLU B 239 0.98 3.74 22.04
C GLU B 239 2.20 4.65 22.17
N THR B 240 3.29 4.28 21.51
CA THR B 240 4.45 5.17 21.41
C THR B 240 4.10 6.48 20.72
N MET B 241 3.05 6.50 19.90
CA MET B 241 2.63 7.71 19.21
C MET B 241 2.37 8.86 20.18
N LEU B 242 1.62 8.59 21.25
CA LEU B 242 1.18 9.67 22.14
C LEU B 242 2.34 10.42 22.79
N SER B 243 3.55 9.84 22.80
CA SER B 243 4.68 10.44 23.49
C SER B 243 5.84 10.82 22.58
N ASP B 244 5.92 10.27 21.37
CA ASP B 244 6.97 10.61 20.42
C ASP B 244 6.32 11.29 19.23
N GLY B 245 6.40 12.62 19.18
CA GLY B 245 5.83 13.36 18.09
C GLY B 245 5.94 14.86 18.24
N LEU B 246 4.89 15.57 17.83
CA LEU B 246 4.91 17.03 17.87
C LEU B 246 5.12 17.54 19.29
N ASN B 247 4.50 16.89 20.28
CA ASN B 247 4.54 17.37 21.65
C ASN B 247 5.91 17.17 22.30
N SER B 248 6.76 16.32 21.72
CA SER B 248 8.11 16.09 22.24
C SER B 248 9.18 16.62 21.30
N LEU B 249 8.81 17.47 20.35
CA LEU B 249 9.74 17.93 19.32
C LEU B 249 10.67 19.00 19.91
N THR B 250 11.97 18.83 19.69
CA THR B 250 12.95 19.81 20.11
C THR B 250 13.97 20.00 19.00
N TYR B 251 14.35 21.26 18.76
CA TYR B 251 15.27 21.59 17.68
C TYR B 251 15.70 23.04 17.83
N GLN B 252 16.77 23.39 17.13
CA GLN B 252 17.30 24.74 17.15
C GLN B 252 17.43 25.23 15.72
N VAL B 253 16.72 26.30 15.39
CA VAL B 253 16.88 26.92 14.08
C VAL B 253 18.19 27.70 14.07
N LEU B 254 19.02 27.43 13.06
CA LEU B 254 20.31 28.12 12.91
C LEU B 254 20.28 29.20 11.85
N ASP B 255 19.40 29.10 10.86
CA ASP B 255 19.30 30.14 9.85
C ASP B 255 17.93 30.09 9.20
N VAL B 256 17.47 31.26 8.75
CA VAL B 256 16.26 31.38 7.94
C VAL B 256 16.59 32.31 6.78
N GLN B 257 16.45 31.81 5.57
CA GLN B 257 16.73 32.59 4.37
C GLN B 257 15.45 32.71 3.55
N ARG B 258 15.12 33.95 3.17
CA ARG B 258 13.94 34.22 2.36
C ARG B 258 14.42 34.47 0.95
N TYR B 259 14.43 33.43 0.13
CA TYR B 259 14.75 33.60 -1.28
C TYR B 259 13.50 33.97 -2.06
N PRO B 260 13.66 34.48 -3.27
CA PRO B 260 12.47 34.81 -4.08
C PRO B 260 11.44 33.71 -4.17
N LEU B 261 11.87 32.45 -4.33
CA LEU B 261 10.97 31.36 -4.64
C LEU B 261 10.78 30.36 -3.52
N TYR B 262 11.51 30.47 -2.40
CA TYR B 262 11.32 29.55 -1.29
C TYR B 262 11.94 30.11 -0.03
N THR B 263 11.44 29.62 1.09
CA THR B 263 12.05 29.84 2.40
C THR B 263 12.84 28.60 2.80
N GLN B 264 14.09 28.78 3.20
CA GLN B 264 14.94 27.69 3.66
C GLN B 264 15.25 27.90 5.14
N ILE B 265 14.88 26.93 5.96
CA ILE B 265 15.16 26.96 7.39
C ILE B 265 16.20 25.88 7.68
N THR B 266 17.36 26.31 8.19
CA THR B 266 18.44 25.40 8.55
C THR B 266 18.35 25.12 10.05
N VAL B 267 18.23 23.85 10.41
CA VAL B 267 17.97 23.46 11.79
C VAL B 267 18.96 22.41 12.24
N ASP B 268 19.27 22.43 13.53
CA ASP B 268 19.95 21.35 14.22
C ASP B 268 18.89 20.50 14.91
N ILE B 269 18.75 19.25 14.47
CA ILE B 269 17.74 18.35 15.02
C ILE B 269 18.38 17.29 15.93
N GLY B 270 19.63 17.50 16.36
CA GLY B 270 20.24 16.59 17.30
C GLY B 270 20.80 15.35 16.64
N THR B 271 20.95 14.31 17.45
CA THR B 271 21.51 13.04 17.02
C THR B 271 20.64 11.89 17.50
N PRO B 272 20.79 10.70 16.91
CA PRO B 272 20.04 9.52 17.37
C PRO B 272 20.36 9.15 18.82
N NO3 C . -7.10 -34.63 6.41
O1 NO3 C . -7.78 -35.44 7.09
O2 NO3 C . -7.65 -33.95 5.49
O3 NO3 C . -5.87 -34.48 6.65
N NO3 D . 1.92 35.01 5.22
O1 NO3 D . 0.78 35.01 4.65
O2 NO3 D . 2.88 34.34 4.71
O3 NO3 D . 2.10 35.66 6.28
#